data_2PTG
#
_entry.id   2PTG
#
_cell.length_a   105.260
_cell.length_b   105.260
_cell.length_c   92.950
_cell.angle_alpha   90.00
_cell.angle_beta   90.00
_cell.angle_gamma   120.00
#
_symmetry.space_group_name_H-M   'P 32 2 1'
#
_entity_poly.entity_id   1
_entity_poly.type   'polypeptide(L)'
_entity_poly.pdbx_seq_one_letter_code
;GPLPVDLRGKTAFVAGVADSNGYGWAICKLLRAAGARVLVGTWPPVYSIFKKGLESSRFEQDSFYAQEPSSKVAAEAAEK
PVDLVFDKIYPLDAVFDTPQDVPPEVSSNKRYAGVGGFTISEVAEAVRADVGQIDILVHSLANGPEVTKPLLQTSRKGYL
AAVSSSSYSFVSLLQHFLPLMKEGGSALALSYIASEKVIPGYGGGMSSAKAALESDCRTLAFEAGRARAVRVNCISAGPL
KSRAASAIGKAGDKTFIDLAIDYSEANAPLQKELESDDVGRAALFLLSPLARAVTGATLYVDNGLHAMGQALDSKSLTP
;
_entity_poly.pdbx_strand_id   A,B
#
# COMPACT_ATOMS: atom_id res chain seq x y z
N PRO A 2 10.79 -5.23 12.62
CA PRO A 2 9.96 -5.70 11.47
C PRO A 2 9.46 -4.52 10.62
N LEU A 3 8.59 -3.69 11.20
CA LEU A 3 8.08 -2.50 10.53
C LEU A 3 8.46 -1.31 11.43
N PRO A 4 9.76 -1.06 11.54
CA PRO A 4 10.26 0.05 12.36
C PRO A 4 9.97 1.43 11.79
N VAL A 5 9.42 2.30 12.62
CA VAL A 5 9.13 3.65 12.19
C VAL A 5 9.58 4.68 13.22
N ASP A 6 10.76 5.25 12.96
CA ASP A 6 11.32 6.28 13.83
C ASP A 6 11.31 7.61 13.08
N LEU A 7 10.44 8.50 13.52
CA LEU A 7 10.29 9.82 12.90
C LEU A 7 10.81 10.96 13.76
N ARG A 8 11.38 10.63 14.91
CA ARG A 8 11.91 11.62 15.84
C ARG A 8 12.46 12.92 15.25
N GLY A 9 13.50 12.83 14.44
CA GLY A 9 14.08 14.04 13.86
C GLY A 9 13.22 14.79 12.84
N LYS A 10 12.22 14.11 12.29
CA LYS A 10 11.35 14.71 11.27
C LYS A 10 10.15 15.44 11.85
N THR A 11 9.59 16.37 11.08
CA THR A 11 8.43 17.13 11.51
C THR A 11 7.40 17.03 10.38
N ALA A 12 6.13 17.09 10.76
CA ALA A 12 5.07 16.95 9.77
C ALA A 12 4.00 18.02 9.91
N PHE A 13 3.39 18.38 8.78
CA PHE A 13 2.30 19.33 8.81
C PHE A 13 1.14 18.51 8.32
N VAL A 14 0.05 18.51 9.09
CA VAL A 14 -1.14 17.74 8.73
C VAL A 14 -2.34 18.66 8.61
N ALA A 15 -2.86 18.77 7.39
CA ALA A 15 -3.99 19.64 7.12
C ALA A 15 -5.33 18.91 7.16
N GLY A 16 -6.32 19.56 7.75
CA GLY A 16 -7.65 18.97 7.81
C GLY A 16 -7.94 18.13 9.03
N VAL A 17 -7.77 18.72 10.21
CA VAL A 17 -8.04 18.02 11.45
C VAL A 17 -9.26 18.68 12.08
N ALA A 18 -10.43 18.11 11.82
CA ALA A 18 -11.68 18.64 12.35
C ALA A 18 -12.03 18.08 13.74
N ASP A 19 -12.47 16.82 13.80
CA ASP A 19 -12.83 16.23 15.09
C ASP A 19 -11.88 15.16 15.63
N SER A 20 -12.27 14.58 16.78
CA SER A 20 -11.49 13.55 17.47
C SER A 20 -11.48 12.20 16.78
N ASN A 21 -12.67 11.69 16.46
CA ASN A 21 -12.78 10.40 15.79
C ASN A 21 -12.63 10.50 14.29
N GLY A 22 -11.68 11.33 13.87
CA GLY A 22 -11.42 11.51 12.45
C GLY A 22 -10.12 10.82 12.10
N TYR A 23 -9.90 10.61 10.81
CA TYR A 23 -8.69 9.95 10.34
C TYR A 23 -7.49 10.87 10.52
N GLY A 24 -7.72 12.16 10.33
CA GLY A 24 -6.66 13.13 10.47
C GLY A 24 -6.06 13.12 11.86
N TRP A 25 -6.94 13.16 12.85
CA TRP A 25 -6.49 13.15 14.24
C TRP A 25 -5.70 11.87 14.51
N ALA A 26 -6.22 10.75 14.02
CA ALA A 26 -5.54 9.48 14.22
C ALA A 26 -4.10 9.60 13.77
N ILE A 27 -3.89 10.01 12.51
CA ILE A 27 -2.55 10.16 11.95
C ILE A 27 -1.63 11.06 12.79
N CYS A 28 -2.19 12.12 13.37
CA CYS A 28 -1.40 13.01 14.20
C CYS A 28 -0.77 12.21 15.34
N LYS A 29 -1.55 11.32 15.94
CA LYS A 29 -1.06 10.49 17.03
C LYS A 29 0.00 9.53 16.52
N LEU A 30 -0.35 8.76 15.50
CA LEU A 30 0.59 7.80 14.92
C LEU A 30 1.95 8.43 14.58
N LEU A 31 1.93 9.68 14.07
CA LEU A 31 3.18 10.37 13.72
C LEU A 31 3.84 10.86 15.00
N ARG A 32 3.02 11.42 15.89
CA ARG A 32 3.52 11.93 17.17
C ARG A 32 4.11 10.82 18.02
N ALA A 33 3.47 9.65 17.96
CA ALA A 33 3.91 8.47 18.71
C ALA A 33 5.24 8.00 18.14
N ALA A 34 5.35 7.95 16.82
CA ALA A 34 6.58 7.51 16.17
C ALA A 34 7.70 8.53 16.39
N GLY A 35 7.41 9.58 17.16
CA GLY A 35 8.42 10.58 17.47
C GLY A 35 8.48 11.88 16.69
N ALA A 36 7.85 11.93 15.52
CA ALA A 36 7.89 13.14 14.71
C ALA A 36 7.31 14.35 15.45
N ARG A 37 7.65 15.53 14.96
CA ARG A 37 7.15 16.79 15.50
C ARG A 37 5.89 17.04 14.65
N VAL A 38 4.77 17.37 15.28
CA VAL A 38 3.55 17.53 14.51
C VAL A 38 2.89 18.90 14.49
N LEU A 39 2.80 19.46 13.29
CA LEU A 39 2.16 20.77 13.09
C LEU A 39 0.78 20.49 12.50
N VAL A 40 -0.24 21.17 13.00
CA VAL A 40 -1.59 20.92 12.51
C VAL A 40 -2.31 22.14 11.97
N GLY A 41 -2.97 21.96 10.83
CA GLY A 41 -3.73 23.03 10.21
C GLY A 41 -5.19 22.66 10.43
N THR A 42 -5.90 23.46 11.20
CA THR A 42 -7.31 23.17 11.49
C THR A 42 -8.27 24.23 10.98
N TRP A 43 -9.46 23.78 10.58
CA TRP A 43 -10.50 24.67 10.10
C TRP A 43 -10.55 25.82 11.09
N PRO A 44 -10.40 27.07 10.63
CA PRO A 44 -10.43 28.22 11.54
C PRO A 44 -11.35 28.11 12.76
N PRO A 45 -12.66 27.89 12.56
CA PRO A 45 -13.58 27.78 13.70
C PRO A 45 -13.05 26.87 14.81
N VAL A 46 -12.85 25.60 14.50
CA VAL A 46 -12.35 24.64 15.47
C VAL A 46 -10.97 25.02 16.03
N TYR A 47 -10.28 25.92 15.34
CA TYR A 47 -8.94 26.36 15.78
C TYR A 47 -8.97 27.17 17.08
N SER A 48 -9.92 28.10 17.19
CA SER A 48 -10.03 28.94 18.37
C SER A 48 -10.43 28.12 19.58
N ILE A 49 -11.36 27.20 19.39
CA ILE A 49 -11.82 26.35 20.48
C ILE A 49 -10.69 25.37 20.81
N PHE A 50 -9.53 25.61 20.22
CA PHE A 50 -8.34 24.78 20.40
C PHE A 50 -7.23 25.65 21.00
N LYS A 51 -6.98 26.78 20.35
CA LYS A 51 -5.96 27.74 20.76
C LYS A 51 -6.30 28.36 22.13
N LYS A 52 -7.48 28.05 22.64
CA LYS A 52 -7.93 28.59 23.90
C LYS A 52 -8.54 27.52 24.80
N VAL A 85 -0.42 15.27 21.46
CA VAL A 85 -0.75 15.02 20.03
C VAL A 85 0.10 15.87 19.09
N PHE A 86 -0.20 17.16 19.01
CA PHE A 86 0.53 18.07 18.13
C PHE A 86 1.37 19.11 18.88
N ASP A 87 2.50 19.46 18.28
CA ASP A 87 3.44 20.42 18.82
C ASP A 87 3.09 21.89 18.49
N LYS A 88 2.16 22.09 17.56
CA LYS A 88 1.78 23.45 17.15
C LYS A 88 0.57 23.37 16.21
N ILE A 89 -0.33 24.36 16.32
CA ILE A 89 -1.51 24.37 15.50
C ILE A 89 -1.75 25.71 14.82
N TYR A 90 -2.28 25.68 13.59
CA TYR A 90 -2.55 26.89 12.83
C TYR A 90 -3.97 26.84 12.26
N PRO A 91 -4.59 28.01 12.08
CA PRO A 91 -5.94 28.01 11.52
C PRO A 91 -5.71 27.84 10.01
N LEU A 92 -6.56 27.08 9.34
CA LEU A 92 -6.39 26.86 7.90
C LEU A 92 -7.64 26.41 7.16
N ASP A 93 -8.02 27.18 6.15
CA ASP A 93 -9.16 26.82 5.32
C ASP A 93 -8.51 26.55 3.95
N ALA A 94 -8.12 25.29 3.73
CA ALA A 94 -7.45 24.85 2.51
C ALA A 94 -8.14 25.11 1.19
N VAL A 95 -9.35 25.66 1.23
CA VAL A 95 -10.03 25.93 -0.01
C VAL A 95 -9.69 27.35 -0.46
N PHE A 96 -8.97 28.07 0.39
CA PHE A 96 -8.54 29.44 0.08
C PHE A 96 -7.02 29.43 -0.06
N ASP A 97 -6.50 30.01 -1.15
CA ASP A 97 -5.07 30.04 -1.39
C ASP A 97 -4.37 31.30 -0.88
N THR A 98 -5.05 32.44 -1.00
CA THR A 98 -4.53 33.73 -0.52
C THR A 98 -5.69 34.60 -0.09
N PRO A 99 -5.42 35.64 0.70
CA PRO A 99 -6.43 36.58 1.22
C PRO A 99 -7.44 37.09 0.19
N GLN A 100 -7.00 37.27 -1.04
CA GLN A 100 -7.87 37.77 -2.10
C GLN A 100 -8.98 36.79 -2.52
N ASP A 101 -8.85 35.52 -2.13
CA ASP A 101 -9.86 34.52 -2.48
C ASP A 101 -10.93 34.45 -1.40
N VAL A 102 -10.63 35.02 -0.24
CA VAL A 102 -11.57 35.01 0.87
C VAL A 102 -12.58 36.13 0.72
N PRO A 103 -13.84 35.77 0.44
CA PRO A 103 -14.95 36.72 0.26
C PRO A 103 -15.18 37.57 1.51
N PRO A 104 -15.43 38.87 1.32
CA PRO A 104 -15.67 39.81 2.43
C PRO A 104 -16.55 39.29 3.57
N GLU A 105 -17.50 38.41 3.28
CA GLU A 105 -18.37 37.87 4.33
C GLU A 105 -17.60 36.85 5.16
N VAL A 106 -17.10 35.82 4.50
CA VAL A 106 -16.31 34.77 5.17
C VAL A 106 -15.19 35.43 5.95
N SER A 107 -14.61 36.48 5.35
CA SER A 107 -13.52 37.20 5.97
C SER A 107 -13.89 37.58 7.40
N SER A 108 -14.70 38.63 7.54
CA SER A 108 -15.16 39.09 8.84
C SER A 108 -16.29 38.14 9.26
N ASN A 109 -15.97 37.23 10.18
CA ASN A 109 -16.96 36.25 10.63
C ASN A 109 -16.52 35.55 11.92
N TYR A 112 -13.82 33.25 12.22
CA TYR A 112 -12.81 33.79 11.26
C TYR A 112 -12.24 35.14 11.70
N ALA A 113 -12.95 35.82 12.59
CA ALA A 113 -12.51 37.13 13.08
C ALA A 113 -11.24 37.07 13.94
N GLY A 114 -10.29 37.95 13.63
CA GLY A 114 -9.03 38.00 14.36
C GLY A 114 -8.48 36.63 14.66
N VAL A 115 -7.99 35.94 13.63
CA VAL A 115 -7.44 34.60 13.79
C VAL A 115 -6.02 34.52 13.23
N GLY A 116 -5.75 35.38 12.25
CA GLY A 116 -4.43 35.41 11.64
C GLY A 116 -4.34 34.52 10.41
N GLY A 117 -4.46 35.14 9.24
CA GLY A 117 -4.37 34.45 7.96
C GLY A 117 -4.58 32.94 7.97
N PHE A 118 -5.68 32.50 7.36
CA PHE A 118 -5.98 31.08 7.31
C PHE A 118 -5.83 30.45 5.91
N THR A 119 -5.46 31.26 4.91
CA THR A 119 -5.26 30.73 3.55
C THR A 119 -3.99 29.89 3.50
N ILE A 120 -3.89 29.02 2.49
CA ILE A 120 -2.74 28.15 2.32
C ILE A 120 -1.40 28.88 2.19
N SER A 121 -1.35 29.97 1.44
CA SER A 121 -0.09 30.66 1.28
C SER A 121 0.38 31.25 2.59
N GLU A 122 -0.55 31.81 3.36
CA GLU A 122 -0.24 32.39 4.68
C GLU A 122 0.19 31.36 5.72
N VAL A 123 -0.52 30.23 5.79
CA VAL A 123 -0.14 29.23 6.77
C VAL A 123 1.24 28.65 6.42
N ALA A 124 1.49 28.41 5.13
CA ALA A 124 2.79 27.86 4.72
C ALA A 124 3.92 28.83 5.09
N GLU A 125 3.66 30.13 5.02
CA GLU A 125 4.66 31.11 5.39
C GLU A 125 4.94 30.94 6.87
N ALA A 126 3.88 30.87 7.66
CA ALA A 126 4.00 30.69 9.10
C ALA A 126 4.81 29.45 9.46
N VAL A 127 4.54 28.34 8.79
CA VAL A 127 5.27 27.11 9.07
C VAL A 127 6.75 27.30 8.80
N ARG A 128 7.05 27.96 7.68
CA ARG A 128 8.41 28.20 7.25
C ARG A 128 9.14 29.03 8.29
N ALA A 129 8.49 30.09 8.76
CA ALA A 129 9.09 30.94 9.76
C ALA A 129 9.28 30.13 11.05
N ASP A 130 8.29 29.32 11.40
CA ASP A 130 8.36 28.51 12.62
C ASP A 130 9.27 27.28 12.60
N VAL A 131 9.45 26.62 11.46
CA VAL A 131 10.31 25.44 11.42
C VAL A 131 11.26 25.40 10.22
N GLY A 132 10.97 26.22 9.22
CA GLY A 132 11.81 26.29 8.04
C GLY A 132 11.72 25.17 7.02
N GLN A 133 11.44 23.96 7.48
CA GLN A 133 11.36 22.81 6.57
C GLN A 133 10.66 21.63 7.23
N ILE A 134 9.87 20.90 6.44
CA ILE A 134 9.17 19.75 6.97
C ILE A 134 9.52 18.51 6.15
N ASP A 135 9.34 17.34 6.75
CA ASP A 135 9.63 16.08 6.08
C ASP A 135 8.35 15.41 5.60
N ILE A 136 7.25 15.70 6.28
CA ILE A 136 6.00 15.06 5.96
C ILE A 136 4.84 16.03 5.80
N LEU A 137 4.05 15.77 4.77
CA LEU A 137 2.87 16.60 4.48
C LEU A 137 1.65 15.67 4.34
N VAL A 138 0.59 15.97 5.09
CA VAL A 138 -0.63 15.17 5.04
C VAL A 138 -1.87 16.05 4.89
N HIS A 139 -2.77 15.65 3.99
CA HIS A 139 -4.01 16.39 3.79
C HIS A 139 -5.18 15.46 4.05
N SER A 140 -5.94 15.75 5.09
CA SER A 140 -7.12 14.96 5.44
C SER A 140 -8.30 15.65 4.78
N LEU A 141 -8.73 15.12 3.64
CA LEU A 141 -9.80 15.71 2.85
C LEU A 141 -11.09 14.91 2.82
N ALA A 142 -12.04 15.34 3.64
CA ALA A 142 -13.34 14.68 3.72
C ALA A 142 -14.27 15.35 2.73
N ASN A 143 -14.88 14.55 1.87
CA ASN A 143 -15.81 15.12 0.90
C ASN A 143 -16.93 14.15 0.59
N GLY A 144 -18.09 14.43 1.16
CA GLY A 144 -19.24 13.56 0.96
C GLY A 144 -20.24 13.91 -0.11
N PRO A 145 -21.17 14.85 0.17
CA PRO A 145 -22.24 15.33 -0.71
C PRO A 145 -22.05 15.26 -2.22
N GLU A 146 -21.49 16.32 -2.81
CA GLU A 146 -21.29 16.37 -4.25
C GLU A 146 -20.34 15.27 -4.72
N VAL A 147 -19.83 15.42 -5.94
CA VAL A 147 -18.92 14.45 -6.57
C VAL A 147 -19.38 12.99 -6.45
N THR A 148 -20.63 12.81 -6.02
CA THR A 148 -21.21 11.47 -5.91
C THR A 148 -22.59 11.61 -6.52
N LYS A 149 -23.04 12.86 -6.57
CA LYS A 149 -24.34 13.22 -7.13
C LYS A 149 -24.31 13.07 -8.65
N PRO A 150 -25.33 12.42 -9.23
CA PRO A 150 -25.40 12.23 -10.69
C PRO A 150 -25.24 13.56 -11.44
N LEU A 151 -24.47 13.52 -12.53
CA LEU A 151 -24.19 14.71 -13.31
C LEU A 151 -25.38 15.55 -13.74
N LEU A 152 -26.45 14.91 -14.19
CA LEU A 152 -27.61 15.68 -14.62
C LEU A 152 -28.27 16.45 -13.46
N GLN A 153 -28.03 16.03 -12.23
CA GLN A 153 -28.59 16.68 -11.05
C GLN A 153 -27.69 17.76 -10.49
N THR A 154 -26.51 17.90 -11.07
CA THR A 154 -25.53 18.84 -10.57
C THR A 154 -25.70 20.27 -11.09
N SER A 155 -24.88 21.18 -10.58
CA SER A 155 -24.88 22.56 -11.05
C SER A 155 -23.41 22.95 -11.24
N ARG A 156 -23.14 23.83 -12.19
CA ARG A 156 -21.76 24.25 -12.46
C ARG A 156 -21.03 24.72 -11.21
N LYS A 157 -21.65 25.65 -10.47
CA LYS A 157 -21.07 26.21 -9.26
C LYS A 157 -20.84 25.16 -8.20
N GLY A 158 -21.79 24.25 -8.04
CA GLY A 158 -21.66 23.21 -7.04
C GLY A 158 -20.75 22.09 -7.46
N TYR A 159 -20.64 21.87 -8.77
CA TYR A 159 -19.77 20.82 -9.29
C TYR A 159 -18.31 21.24 -9.16
N LEU A 160 -18.02 22.48 -9.52
CA LEU A 160 -16.65 23.00 -9.44
C LEU A 160 -16.24 23.23 -7.98
N ALA A 161 -17.23 23.40 -7.09
CA ALA A 161 -16.92 23.61 -5.67
C ALA A 161 -16.47 22.28 -5.06
N ALA A 162 -16.99 21.18 -5.58
CA ALA A 162 -16.60 19.87 -5.08
C ALA A 162 -15.22 19.49 -5.67
N VAL A 163 -14.97 19.87 -6.91
CA VAL A 163 -13.68 19.56 -7.51
C VAL A 163 -12.63 20.35 -6.74
N SER A 164 -12.89 21.64 -6.58
CA SER A 164 -11.98 22.51 -5.86
C SER A 164 -11.71 21.97 -4.47
N SER A 165 -12.79 21.68 -3.75
CA SER A 165 -12.67 21.20 -2.38
C SER A 165 -12.22 19.76 -2.17
N SER A 166 -12.58 18.85 -3.08
CA SER A 166 -12.23 17.43 -2.94
C SER A 166 -10.91 17.02 -3.57
N SER A 167 -10.39 17.83 -4.48
CA SER A 167 -9.13 17.45 -5.08
C SER A 167 -8.13 18.59 -5.27
N TYR A 168 -8.56 19.74 -5.79
CA TYR A 168 -7.61 20.81 -6.02
C TYR A 168 -6.87 21.30 -4.78
N SER A 169 -7.60 21.47 -3.69
CA SER A 169 -7.00 21.91 -2.44
C SER A 169 -5.70 21.19 -2.13
N PHE A 170 -5.64 19.90 -2.46
CA PHE A 170 -4.43 19.15 -2.19
C PHE A 170 -3.34 19.57 -3.13
N VAL A 171 -3.70 19.89 -4.37
CA VAL A 171 -2.71 20.33 -5.34
C VAL A 171 -2.06 21.61 -4.83
N SER A 172 -2.89 22.54 -4.39
CA SER A 172 -2.41 23.81 -3.89
C SER A 172 -1.59 23.63 -2.62
N LEU A 173 -2.14 22.90 -1.64
CA LEU A 173 -1.42 22.68 -0.40
C LEU A 173 -0.01 22.13 -0.70
N LEU A 174 0.10 21.26 -1.70
CA LEU A 174 1.39 20.67 -2.10
C LEU A 174 2.25 21.71 -2.81
N GLN A 175 1.61 22.46 -3.69
CA GLN A 175 2.27 23.53 -4.43
C GLN A 175 2.95 24.51 -3.44
N HIS A 176 2.21 24.97 -2.45
CA HIS A 176 2.72 25.92 -1.47
C HIS A 176 3.63 25.36 -0.38
N PHE A 177 3.57 24.06 -0.15
CA PHE A 177 4.38 23.43 0.89
C PHE A 177 5.60 22.71 0.32
N LEU A 178 5.55 22.39 -0.97
CA LEU A 178 6.66 21.67 -1.59
C LEU A 178 8.02 22.39 -1.48
N PRO A 179 8.06 23.71 -1.75
CA PRO A 179 9.33 24.44 -1.66
C PRO A 179 9.90 24.48 -0.25
N LEU A 180 9.12 23.96 0.69
CA LEU A 180 9.46 23.94 2.10
C LEU A 180 9.76 22.55 2.64
N MET A 181 9.67 21.56 1.76
CA MET A 181 9.90 20.16 2.15
C MET A 181 11.31 19.64 1.83
N LYS A 182 11.94 18.98 2.81
CA LYS A 182 13.26 18.42 2.58
C LYS A 182 13.17 17.50 1.37
N GLU A 183 14.29 17.31 0.66
CA GLU A 183 14.28 16.40 -0.49
C GLU A 183 14.10 15.02 0.12
N GLY A 184 13.26 14.20 -0.50
CA GLY A 184 12.99 12.86 0.03
C GLY A 184 11.86 12.91 1.05
N GLY A 185 11.17 14.05 1.12
CA GLY A 185 10.06 14.17 2.03
C GLY A 185 8.93 13.29 1.50
N SER A 186 7.82 13.25 2.22
CA SER A 186 6.69 12.40 1.83
C SER A 186 5.35 13.11 2.00
N ALA A 187 4.51 13.02 0.97
CA ALA A 187 3.20 13.64 0.99
C ALA A 187 2.09 12.61 0.74
N LEU A 188 1.06 12.68 1.57
CA LEU A 188 -0.06 11.76 1.45
C LEU A 188 -1.36 12.54 1.51
N ALA A 189 -2.24 12.29 0.53
CA ALA A 189 -3.55 12.92 0.51
C ALA A 189 -4.57 11.83 0.90
N LEU A 190 -5.34 12.10 1.95
CA LEU A 190 -6.32 11.15 2.44
C LEU A 190 -7.74 11.63 2.13
N SER A 191 -8.52 10.79 1.44
CA SER A 191 -9.91 11.14 1.11
C SER A 191 -10.89 10.08 1.61
N TYR A 192 -11.95 10.53 2.28
CA TYR A 192 -12.93 9.61 2.82
C TYR A 192 -14.38 10.08 2.74
N ILE A 193 -15.27 9.14 3.10
CA ILE A 193 -16.73 9.29 3.15
C ILE A 193 -17.39 10.05 1.99
N ALA A 212 -11.55 10.70 -9.93
CA ALA A 212 -10.52 9.72 -9.44
C ALA A 212 -9.15 10.38 -9.31
N LEU A 213 -8.81 10.77 -8.08
CA LEU A 213 -7.53 11.41 -7.76
C LEU A 213 -6.38 10.46 -8.05
N GLU A 214 -6.70 9.29 -8.56
CA GLU A 214 -5.69 8.31 -8.92
C GLU A 214 -4.87 8.94 -10.02
N SER A 215 -5.38 10.06 -10.54
CA SER A 215 -4.74 10.82 -11.61
C SER A 215 -3.81 11.87 -11.00
N ASP A 216 -4.38 12.80 -10.27
CA ASP A 216 -3.59 13.86 -9.63
C ASP A 216 -2.44 13.23 -8.85
N CYS A 217 -2.70 12.07 -8.24
CA CYS A 217 -1.70 11.37 -7.43
C CYS A 217 -0.47 10.98 -8.25
N ARG A 218 -0.67 10.18 -9.31
CA ARG A 218 0.45 9.76 -10.13
C ARG A 218 1.12 10.94 -10.79
N THR A 219 0.33 11.96 -11.13
CA THR A 219 0.83 13.18 -11.78
C THR A 219 1.60 14.04 -10.78
N LEU A 220 1.04 14.22 -9.59
CA LEU A 220 1.70 15.01 -8.58
C LEU A 220 2.91 14.23 -8.08
N ALA A 221 2.89 12.91 -8.29
CA ALA A 221 4.00 12.07 -7.85
C ALA A 221 5.17 12.34 -8.80
N PHE A 222 4.86 12.46 -10.08
CA PHE A 222 5.87 12.74 -11.08
C PHE A 222 6.44 14.16 -10.91
N GLU A 223 5.53 15.13 -10.86
CA GLU A 223 5.91 16.52 -10.72
C GLU A 223 6.68 16.80 -9.43
N ALA A 224 6.20 16.29 -8.30
CA ALA A 224 6.89 16.52 -7.03
C ALA A 224 8.16 15.68 -6.93
N GLY A 225 8.26 14.65 -7.75
CA GLY A 225 9.45 13.81 -7.72
C GLY A 225 10.63 14.49 -8.41
N ARG A 226 10.42 14.92 -9.64
CA ARG A 226 11.45 15.61 -10.39
C ARG A 226 11.80 16.87 -9.61
N ALA A 227 10.80 17.45 -8.94
CA ALA A 227 11.02 18.67 -8.19
C ALA A 227 11.98 18.51 -7.02
N ARG A 228 11.57 17.75 -6.00
CA ARG A 228 12.41 17.58 -4.83
C ARG A 228 12.55 16.14 -4.36
N ALA A 229 12.26 15.19 -5.23
CA ALA A 229 12.35 13.78 -4.87
C ALA A 229 11.43 13.53 -3.69
N VAL A 230 10.24 14.10 -3.77
CA VAL A 230 9.24 13.95 -2.73
C VAL A 230 8.16 12.94 -3.15
N ARG A 231 7.94 11.94 -2.33
CA ARG A 231 6.94 10.93 -2.63
C ARG A 231 5.53 11.52 -2.40
N VAL A 232 4.60 11.13 -3.26
CA VAL A 232 3.23 11.58 -3.10
C VAL A 232 2.37 10.35 -3.24
N ASN A 233 1.49 10.13 -2.26
CA ASN A 233 0.59 8.98 -2.28
C ASN A 233 -0.79 9.34 -1.75
N CYS A 234 -1.75 8.49 -2.03
CA CYS A 234 -3.12 8.72 -1.59
C CYS A 234 -3.81 7.54 -0.93
N ILE A 235 -4.64 7.84 0.06
CA ILE A 235 -5.42 6.84 0.75
C ILE A 235 -6.87 7.18 0.48
N SER A 236 -7.64 6.19 0.02
CA SER A 236 -9.05 6.41 -0.22
C SER A 236 -9.76 5.50 0.76
N ALA A 237 -10.30 6.10 1.83
CA ALA A 237 -10.96 5.34 2.87
C ALA A 237 -12.47 5.32 2.80
N GLY A 238 -13.03 4.38 3.56
CA GLY A 238 -14.47 4.26 3.66
C GLY A 238 -14.82 4.96 4.96
N PRO A 239 -16.11 5.15 5.27
CA PRO A 239 -16.49 5.83 6.53
C PRO A 239 -16.23 4.95 7.76
N LEU A 240 -15.93 5.58 8.89
CA LEU A 240 -15.67 4.83 10.11
C LEU A 240 -16.72 5.15 11.17
N LYS A 272 -15.78 -7.19 9.21
CA LYS A 272 -15.25 -6.09 8.36
C LYS A 272 -15.52 -4.73 8.98
N GLU A 273 -14.78 -4.40 10.02
CA GLU A 273 -14.92 -3.12 10.69
C GLU A 273 -13.77 -2.21 10.26
N LEU A 274 -14.04 -0.91 10.19
CA LEU A 274 -13.05 0.07 9.77
C LEU A 274 -12.88 1.14 10.85
N GLU A 275 -11.76 1.10 11.56
CA GLU A 275 -11.48 2.08 12.61
C GLU A 275 -10.43 3.07 12.12
N SER A 276 -10.45 4.27 12.70
CA SER A 276 -9.52 5.32 12.33
C SER A 276 -8.09 4.79 12.21
N ASP A 277 -7.67 4.03 13.21
CA ASP A 277 -6.31 3.49 13.22
C ASP A 277 -5.98 2.59 12.05
N ASP A 278 -7.00 2.16 11.29
CA ASP A 278 -6.77 1.32 10.13
C ASP A 278 -6.14 2.22 9.07
N VAL A 279 -6.70 3.41 8.94
CA VAL A 279 -6.21 4.41 7.99
C VAL A 279 -4.89 4.96 8.53
N GLY A 280 -4.87 5.24 9.83
CA GLY A 280 -3.68 5.77 10.47
C GLY A 280 -2.44 4.91 10.27
N ARG A 281 -2.61 3.58 10.31
CA ARG A 281 -1.47 2.70 10.13
C ARG A 281 -1.02 2.63 8.67
N ALA A 282 -1.99 2.58 7.75
CA ALA A 282 -1.66 2.55 6.33
C ALA A 282 -0.98 3.90 6.00
N ALA A 283 -1.51 4.97 6.58
CA ALA A 283 -0.98 6.30 6.37
C ALA A 283 0.47 6.31 6.88
N LEU A 284 0.63 6.00 8.16
CA LEU A 284 1.95 5.98 8.76
C LEU A 284 2.93 5.20 7.89
N PHE A 285 2.54 4.01 7.45
CA PHE A 285 3.43 3.20 6.60
C PHE A 285 3.89 3.96 5.35
N LEU A 286 2.95 4.49 4.56
CA LEU A 286 3.31 5.20 3.34
C LEU A 286 4.21 6.42 3.57
N LEU A 287 3.93 7.13 4.65
CA LEU A 287 4.65 8.33 5.04
C LEU A 287 6.02 8.08 5.65
N SER A 288 6.46 6.82 5.74
CA SER A 288 7.75 6.52 6.35
C SER A 288 8.79 5.87 5.42
N PRO A 289 10.06 5.83 5.83
CA PRO A 289 11.11 5.24 4.99
C PRO A 289 10.75 3.82 4.58
N LEU A 290 9.80 3.25 5.31
CA LEU A 290 9.35 1.89 5.01
C LEU A 290 8.83 1.81 3.57
N ALA A 291 8.25 2.91 3.08
CA ALA A 291 7.68 2.99 1.74
C ALA A 291 8.54 3.83 0.79
N ARG A 292 9.81 3.99 1.13
CA ARG A 292 10.73 4.79 0.34
C ARG A 292 10.67 4.53 -1.16
N ALA A 293 10.34 3.30 -1.57
CA ALA A 293 10.26 3.00 -3.00
C ALA A 293 8.83 3.10 -3.51
N VAL A 294 7.95 3.66 -2.68
CA VAL A 294 6.53 3.79 -3.05
C VAL A 294 6.05 5.23 -3.20
N THR A 295 5.64 5.58 -4.43
CA THR A 295 5.10 6.91 -4.73
C THR A 295 4.11 6.84 -5.88
N GLY A 296 3.01 7.60 -5.79
CA GLY A 296 2.01 7.58 -6.84
C GLY A 296 1.00 6.46 -6.66
N ALA A 297 0.97 5.91 -5.46
CA ALA A 297 0.05 4.83 -5.16
C ALA A 297 -1.21 5.34 -4.52
N THR A 298 -2.32 4.73 -4.86
CA THR A 298 -3.61 5.07 -4.24
C THR A 298 -4.01 3.74 -3.62
N LEU A 299 -4.20 3.77 -2.30
CA LEU A 299 -4.57 2.57 -1.54
C LEU A 299 -5.96 2.78 -0.93
N TYR A 300 -6.89 1.92 -1.27
CA TYR A 300 -8.26 2.01 -0.75
C TYR A 300 -8.40 1.25 0.57
N VAL A 301 -8.61 1.98 1.66
CA VAL A 301 -8.78 1.35 2.95
C VAL A 301 -10.29 1.35 3.21
N ASP A 302 -10.98 0.43 2.53
CA ASP A 302 -12.44 0.31 2.61
C ASP A 302 -12.95 -1.13 2.60
N ASN A 303 -12.17 -2.04 3.17
CA ASN A 303 -12.55 -3.45 3.24
C ASN A 303 -13.05 -4.02 1.91
N GLY A 304 -12.29 -3.83 0.84
CA GLY A 304 -12.67 -4.37 -0.46
C GLY A 304 -13.76 -3.61 -1.19
N LEU A 305 -14.33 -2.61 -0.54
CA LEU A 305 -15.41 -1.83 -1.14
C LEU A 305 -15.08 -1.49 -2.60
N HIS A 306 -14.05 -0.67 -2.81
CA HIS A 306 -13.63 -0.27 -4.15
C HIS A 306 -13.24 -1.47 -5.02
N ALA A 307 -13.89 -1.58 -6.18
CA ALA A 307 -13.62 -2.68 -7.10
C ALA A 307 -13.88 -4.03 -6.42
N MET A 308 -15.14 -4.26 -6.05
CA MET A 308 -15.59 -5.48 -5.38
C MET A 308 -17.03 -5.32 -4.86
N PRO B 2 3.71 1.52 16.76
CA PRO B 2 3.17 2.30 15.61
C PRO B 2 2.81 1.37 14.44
N LEU B 3 3.71 0.45 14.12
CA LEU B 3 3.48 -0.54 13.07
C LEU B 3 3.90 -1.91 13.64
N PRO B 4 3.19 -2.34 14.68
CA PRO B 4 3.49 -3.63 15.32
C PRO B 4 3.08 -4.82 14.45
N VAL B 5 3.99 -5.76 14.29
CA VAL B 5 3.69 -6.94 13.50
C VAL B 5 4.04 -8.18 14.31
N ASP B 6 3.00 -8.79 14.88
CA ASP B 6 3.17 -10.00 15.68
C ASP B 6 2.45 -11.17 15.03
N LEU B 7 3.23 -12.06 14.42
CA LEU B 7 2.71 -13.23 13.72
C LEU B 7 2.99 -14.55 14.44
N ARG B 8 3.51 -14.47 15.66
CA ARG B 8 3.83 -15.65 16.45
C ARG B 8 2.89 -16.85 16.32
N GLY B 9 1.61 -16.67 16.65
CA GLY B 9 0.68 -17.78 16.54
C GLY B 9 0.22 -18.15 15.14
N LYS B 10 0.87 -17.58 14.13
CA LYS B 10 0.47 -17.84 12.75
C LYS B 10 1.55 -18.50 11.89
N THR B 11 1.12 -19.17 10.82
CA THR B 11 2.07 -19.83 9.94
C THR B 11 1.82 -19.44 8.48
N ALA B 12 2.90 -19.40 7.70
CA ALA B 12 2.83 -19.00 6.30
C ALA B 12 3.53 -19.95 5.34
N PHE B 13 2.99 -20.04 4.13
CA PHE B 13 3.61 -20.87 3.10
C PHE B 13 4.02 -19.88 2.03
N VAL B 14 5.33 -19.82 1.77
CA VAL B 14 5.86 -18.90 0.77
C VAL B 14 6.34 -19.69 -0.43
N ALA B 15 5.73 -19.44 -1.59
CA ALA B 15 6.11 -20.15 -2.80
C ALA B 15 7.03 -19.32 -3.67
N GLY B 16 7.98 -20.00 -4.31
CA GLY B 16 8.90 -19.29 -5.18
C GLY B 16 10.35 -19.36 -4.71
N VAL B 17 10.59 -18.84 -3.51
CA VAL B 17 11.93 -18.82 -2.92
C VAL B 17 12.93 -19.61 -3.73
N ALA B 18 13.73 -18.89 -4.53
CA ALA B 18 14.75 -19.53 -5.36
C ALA B 18 16.16 -19.23 -4.84
N ASP B 19 16.58 -17.97 -4.91
CA ASP B 19 17.92 -17.59 -4.44
C ASP B 19 17.90 -16.97 -3.04
N SER B 20 19.05 -16.42 -2.63
CA SER B 20 19.18 -15.80 -1.31
C SER B 20 19.10 -14.27 -1.39
N ASN B 21 19.27 -13.73 -2.58
CA ASN B 21 19.18 -12.28 -2.78
C ASN B 21 17.95 -11.94 -3.59
N GLY B 22 16.84 -12.58 -3.22
CA GLY B 22 15.57 -12.33 -3.89
C GLY B 22 14.56 -11.79 -2.89
N TYR B 23 13.45 -11.29 -3.39
CA TYR B 23 12.40 -10.75 -2.54
C TYR B 23 11.75 -11.85 -1.71
N GLY B 24 11.65 -13.03 -2.32
CA GLY B 24 11.04 -14.16 -1.64
C GLY B 24 11.76 -14.50 -0.35
N TRP B 25 13.07 -14.72 -0.47
CA TRP B 25 13.86 -15.05 0.68
C TRP B 25 13.73 -13.94 1.71
N ALA B 26 13.69 -12.71 1.23
CA ALA B 26 13.55 -11.57 2.11
C ALA B 26 12.30 -11.72 2.99
N ILE B 27 11.15 -11.93 2.35
CA ILE B 27 9.89 -12.08 3.07
C ILE B 27 9.88 -13.23 4.09
N CYS B 28 10.58 -14.32 3.79
CA CYS B 28 10.63 -15.43 4.72
C CYS B 28 11.22 -14.91 6.03
N LYS B 29 12.37 -14.26 5.93
CA LYS B 29 13.05 -13.69 7.10
C LYS B 29 12.13 -12.70 7.82
N LEU B 30 11.57 -11.75 7.08
CA LEU B 30 10.67 -10.77 7.69
C LEU B 30 9.52 -11.43 8.47
N LEU B 31 8.83 -12.39 7.86
CA LEU B 31 7.71 -13.09 8.52
C LEU B 31 8.22 -13.86 9.72
N ARG B 32 9.30 -14.59 9.53
CA ARG B 32 9.90 -15.36 10.62
C ARG B 32 10.22 -14.41 11.77
N ALA B 33 10.85 -13.29 11.42
CA ALA B 33 11.23 -12.25 12.38
C ALA B 33 10.03 -11.81 13.20
N ALA B 34 8.89 -11.60 12.54
CA ALA B 34 7.68 -11.18 13.24
C ALA B 34 7.08 -12.34 14.06
N GLY B 35 7.80 -13.46 14.09
CA GLY B 35 7.37 -14.61 14.87
C GLY B 35 6.59 -15.73 14.17
N ALA B 36 6.20 -15.50 12.92
CA ALA B 36 5.44 -16.52 12.17
C ALA B 36 6.24 -17.78 11.92
N ARG B 37 5.49 -18.85 11.67
CA ARG B 37 6.03 -20.16 11.36
C ARG B 37 6.11 -20.11 9.83
N VAL B 38 7.30 -20.29 9.27
CA VAL B 38 7.44 -20.19 7.82
C VAL B 38 7.68 -21.47 7.04
N LEU B 39 6.73 -21.78 6.17
CA LEU B 39 6.81 -22.97 5.32
C LEU B 39 7.25 -22.50 3.93
N VAL B 40 8.24 -23.18 3.35
CA VAL B 40 8.73 -22.76 2.05
C VAL B 40 8.62 -23.77 0.93
N GLY B 41 8.18 -23.28 -0.23
CA GLY B 41 8.04 -24.11 -1.41
C GLY B 41 9.10 -23.65 -2.38
N THR B 42 10.12 -24.47 -2.60
CA THR B 42 11.21 -24.12 -3.50
C THR B 42 11.27 -24.99 -4.74
N TRP B 43 11.71 -24.38 -5.83
CA TRP B 43 11.87 -25.05 -7.11
C TRP B 43 12.60 -26.38 -6.81
N PRO B 44 12.01 -27.52 -7.19
CA PRO B 44 12.61 -28.85 -6.95
C PRO B 44 14.14 -28.93 -6.96
N PRO B 45 14.80 -28.51 -8.04
CA PRO B 45 16.27 -28.58 -8.08
C PRO B 45 16.90 -27.92 -6.84
N VAL B 46 16.72 -26.62 -6.70
CA VAL B 46 17.27 -25.88 -5.55
C VAL B 46 16.84 -26.46 -4.19
N TYR B 47 15.80 -27.29 -4.20
CA TYR B 47 15.32 -27.90 -2.96
C TYR B 47 16.27 -28.97 -2.41
N SER B 48 16.89 -29.73 -3.31
CA SER B 48 17.80 -30.79 -2.90
C SER B 48 19.04 -30.23 -2.21
N ILE B 49 19.41 -29.01 -2.56
CA ILE B 49 20.58 -28.38 -1.95
C ILE B 49 20.19 -27.91 -0.55
N PHE B 50 18.93 -27.51 -0.36
CA PHE B 50 18.46 -27.06 0.94
C PHE B 50 18.28 -28.25 1.89
N LYS B 51 17.76 -29.35 1.36
CA LYS B 51 17.52 -30.55 2.14
C LYS B 51 18.81 -31.05 2.81
N LYS B 52 19.91 -30.36 2.51
CA LYS B 52 21.21 -30.70 3.07
C LYS B 52 21.72 -29.51 3.89
N VAL B 85 15.34 -19.00 9.40
CA VAL B 85 14.31 -18.56 8.42
C VAL B 85 13.09 -19.50 8.44
N PHE B 86 13.05 -20.44 7.49
CA PHE B 86 11.94 -21.38 7.39
C PHE B 86 12.03 -22.61 8.29
N ASP B 87 10.88 -22.99 8.82
CA ASP B 87 10.75 -24.13 9.69
C ASP B 87 10.53 -25.43 8.92
N LYS B 88 10.27 -25.33 7.62
CA LYS B 88 10.03 -26.50 6.77
C LYS B 88 10.05 -26.07 5.30
N ILE B 89 10.57 -26.96 4.45
CA ILE B 89 10.66 -26.66 3.03
C ILE B 89 10.12 -27.82 2.19
N TYR B 90 9.50 -27.48 1.05
CA TYR B 90 8.94 -28.47 0.15
C TYR B 90 9.39 -28.21 -1.28
N PRO B 91 9.55 -29.27 -2.07
CA PRO B 91 9.97 -29.05 -3.46
C PRO B 91 8.68 -28.62 -4.18
N LEU B 92 8.73 -27.52 -4.93
CA LEU B 92 7.53 -27.06 -5.61
C LEU B 92 7.79 -26.32 -6.93
N ASP B 93 7.17 -26.82 -7.98
CA ASP B 93 7.26 -26.21 -9.30
C ASP B 93 5.81 -25.76 -9.55
N ALA B 94 5.50 -24.52 -9.13
CA ALA B 94 4.15 -23.96 -9.25
C ALA B 94 3.53 -23.93 -10.64
N VAL B 95 4.27 -24.33 -11.66
CA VAL B 95 3.70 -24.33 -12.99
C VAL B 95 2.99 -25.65 -13.27
N PHE B 96 3.16 -26.62 -12.36
CA PHE B 96 2.50 -27.92 -12.48
C PHE B 96 1.43 -28.04 -11.39
N ASP B 97 0.21 -28.45 -11.77
CA ASP B 97 -0.87 -28.56 -10.79
C ASP B 97 -1.04 -29.97 -10.24
N THR B 98 -1.02 -30.97 -11.13
CA THR B 98 -1.14 -32.37 -10.73
C THR B 98 -0.04 -33.15 -11.43
N PRO B 99 0.27 -34.35 -10.94
CA PRO B 99 1.30 -35.19 -11.54
C PRO B 99 1.11 -35.35 -13.06
N GLN B 100 -0.12 -35.60 -13.47
CA GLN B 100 -0.43 -35.78 -14.89
C GLN B 100 -0.01 -34.59 -15.76
N ASP B 101 0.41 -33.50 -15.14
CA ASP B 101 0.83 -32.32 -15.89
C ASP B 101 2.33 -32.36 -16.13
N VAL B 102 3.02 -33.15 -15.33
CA VAL B 102 4.47 -33.27 -15.44
C VAL B 102 4.86 -34.24 -16.55
N PRO B 103 5.46 -33.72 -17.63
CA PRO B 103 5.90 -34.52 -18.77
C PRO B 103 7.06 -35.45 -18.36
N PRO B 104 7.12 -36.64 -18.96
CA PRO B 104 8.18 -37.63 -18.67
C PRO B 104 9.61 -37.08 -18.66
N GLU B 105 9.87 -36.04 -19.46
CA GLU B 105 11.19 -35.45 -19.52
C GLU B 105 11.53 -34.73 -18.21
N VAL B 106 10.50 -34.21 -17.54
CA VAL B 106 10.70 -33.51 -16.28
C VAL B 106 10.63 -34.52 -15.14
N SER B 107 9.80 -35.54 -15.32
CA SER B 107 9.64 -36.60 -14.32
C SER B 107 11.03 -37.19 -14.07
N SER B 108 11.52 -37.91 -15.07
CA SER B 108 12.83 -38.54 -15.03
C SER B 108 13.89 -37.46 -15.22
N ASN B 109 14.47 -36.99 -14.12
CA ASN B 109 15.49 -35.95 -14.21
C ASN B 109 16.20 -35.68 -12.88
N TYR B 112 14.83 -33.30 -10.29
CA TYR B 112 13.39 -33.64 -10.09
C TYR B 112 13.17 -35.08 -9.61
N ALA B 113 14.18 -35.92 -9.77
CA ALA B 113 14.08 -37.32 -9.35
C ALA B 113 14.23 -37.54 -7.84
N GLY B 114 13.45 -38.47 -7.32
CA GLY B 114 13.50 -38.79 -5.90
C GLY B 114 13.20 -37.65 -4.94
N VAL B 115 12.50 -36.63 -5.43
CA VAL B 115 12.15 -35.48 -4.58
C VAL B 115 10.80 -35.70 -3.93
N GLY B 116 9.91 -36.36 -4.67
CA GLY B 116 8.58 -36.65 -4.17
C GLY B 116 7.56 -35.54 -4.39
N GLY B 117 6.51 -35.86 -5.14
CA GLY B 117 5.44 -34.92 -5.44
C GLY B 117 5.72 -33.44 -5.30
N PHE B 118 5.98 -32.78 -6.42
CA PHE B 118 6.26 -31.36 -6.39
C PHE B 118 5.16 -30.49 -7.00
N THR B 119 4.09 -31.10 -7.52
CA THR B 119 3.01 -30.31 -8.13
C THR B 119 2.27 -29.55 -7.03
N ILE B 120 1.50 -28.55 -7.42
CA ILE B 120 0.76 -27.72 -6.47
C ILE B 120 -0.25 -28.49 -5.63
N SER B 121 -0.93 -29.46 -6.23
CA SER B 121 -1.91 -30.22 -5.47
C SER B 121 -1.21 -31.08 -4.42
N GLU B 122 -0.11 -31.72 -4.80
CA GLU B 122 0.64 -32.56 -3.86
C GLU B 122 1.27 -31.80 -2.71
N VAL B 123 1.81 -30.61 -2.98
CA VAL B 123 2.42 -29.84 -1.91
C VAL B 123 1.35 -29.36 -0.93
N ALA B 124 0.24 -28.85 -1.45
CA ALA B 124 -0.86 -28.38 -0.61
C ALA B 124 -1.34 -29.50 0.30
N GLU B 125 -1.35 -30.73 -0.21
CA GLU B 125 -1.77 -31.89 0.58
C GLU B 125 -0.79 -32.06 1.74
N ALA B 126 0.50 -32.01 1.44
CA ALA B 126 1.55 -32.18 2.46
C ALA B 126 1.49 -31.07 3.53
N VAL B 127 1.21 -29.85 3.11
CA VAL B 127 1.15 -28.77 4.07
C VAL B 127 -0.01 -29.05 5.03
N ARG B 128 -1.14 -29.47 4.47
CA ARG B 128 -2.32 -29.76 5.27
C ARG B 128 -2.07 -30.85 6.29
N ALA B 129 -1.36 -31.89 5.88
CA ALA B 129 -1.03 -32.97 6.79
C ALA B 129 -0.09 -32.47 7.90
N ASP B 130 0.92 -31.70 7.53
CA ASP B 130 1.89 -31.19 8.49
C ASP B 130 1.43 -30.07 9.44
N VAL B 131 0.56 -29.18 8.99
CA VAL B 131 0.12 -28.09 9.88
C VAL B 131 -1.40 -27.90 9.86
N GLY B 132 -2.05 -28.48 8.87
CA GLY B 132 -3.51 -28.39 8.75
C GLY B 132 -4.13 -27.08 8.29
N GLN B 133 -3.50 -25.96 8.63
CA GLN B 133 -4.04 -24.65 8.25
C GLN B 133 -2.98 -23.55 8.29
N ILE B 134 -3.03 -22.62 7.33
CA ILE B 134 -2.07 -21.53 7.33
C ILE B 134 -2.82 -20.22 7.39
N ASP B 135 -2.13 -19.17 7.82
CA ASP B 135 -2.74 -17.85 7.93
C ASP B 135 -2.28 -16.95 6.79
N ILE B 136 -1.13 -17.28 6.22
CA ILE B 136 -0.53 -16.45 5.20
C ILE B 136 -0.03 -17.22 4.01
N LEU B 137 -0.31 -16.69 2.83
CA LEU B 137 0.12 -17.29 1.58
C LEU B 137 0.84 -16.23 0.72
N VAL B 138 2.07 -16.56 0.31
CA VAL B 138 2.89 -15.66 -0.50
C VAL B 138 3.42 -16.39 -1.72
N HIS B 139 3.36 -15.73 -2.88
CA HIS B 139 3.85 -16.32 -4.12
C HIS B 139 4.87 -15.38 -4.76
N SER B 140 6.11 -15.85 -4.93
CA SER B 140 7.14 -15.04 -5.57
C SER B 140 7.29 -15.46 -7.02
N LEU B 141 6.72 -14.67 -7.93
CA LEU B 141 6.82 -15.00 -9.34
C LEU B 141 7.85 -14.13 -10.04
N ALA B 142 8.79 -14.78 -10.70
CA ALA B 142 9.82 -14.08 -11.42
C ALA B 142 9.53 -14.30 -12.89
N ASN B 143 9.19 -13.25 -13.62
CA ASN B 143 8.92 -13.41 -15.03
C ASN B 143 9.65 -12.38 -15.89
N GLY B 144 10.75 -12.84 -16.49
CA GLY B 144 11.57 -11.98 -17.32
C GLY B 144 11.08 -11.57 -18.69
N PRO B 145 11.89 -11.82 -19.74
CA PRO B 145 11.66 -11.51 -21.16
C PRO B 145 10.29 -11.84 -21.73
N GLU B 146 9.89 -13.09 -21.65
CA GLU B 146 8.60 -13.50 -22.16
C GLU B 146 7.51 -12.72 -21.44
N VAL B 147 6.48 -12.34 -22.21
CA VAL B 147 5.33 -11.58 -21.69
C VAL B 147 5.55 -10.07 -21.71
N THR B 148 6.76 -9.65 -22.11
CA THR B 148 7.09 -8.23 -22.21
C THR B 148 7.49 -7.99 -23.67
N LYS B 149 7.74 -9.11 -24.35
CA LYS B 149 8.14 -9.11 -25.76
C LYS B 149 6.95 -8.69 -26.64
N PRO B 150 7.20 -7.90 -27.70
CA PRO B 150 6.12 -7.47 -28.58
C PRO B 150 5.27 -8.63 -29.14
N LEU B 151 3.96 -8.43 -29.21
CA LEU B 151 3.04 -9.45 -29.68
C LEU B 151 3.36 -10.05 -31.04
N LEU B 152 3.62 -9.20 -32.03
CA LEU B 152 3.92 -9.69 -33.37
C LEU B 152 5.20 -10.51 -33.40
N GLN B 153 5.99 -10.37 -32.35
CA GLN B 153 7.27 -11.04 -32.25
C GLN B 153 7.22 -12.29 -31.40
N THR B 154 6.00 -12.67 -30.99
CA THR B 154 5.81 -13.82 -30.11
C THR B 154 5.28 -15.07 -30.82
N SER B 155 5.15 -16.17 -30.08
CA SER B 155 4.58 -17.41 -30.62
C SER B 155 3.48 -17.86 -29.65
N ARG B 156 2.53 -18.65 -30.12
CA ARG B 156 1.44 -19.09 -29.24
C ARG B 156 1.93 -19.82 -28.01
N LYS B 157 2.71 -20.89 -28.24
CA LYS B 157 3.22 -21.72 -27.17
C LYS B 157 4.01 -20.91 -26.16
N GLY B 158 4.76 -19.94 -26.64
CA GLY B 158 5.57 -19.13 -25.76
C GLY B 158 4.78 -18.03 -25.07
N TYR B 159 3.70 -17.61 -25.72
CA TYR B 159 2.85 -16.58 -25.14
C TYR B 159 2.06 -17.18 -23.99
N LEU B 160 1.43 -18.32 -24.22
CA LEU B 160 0.64 -18.99 -23.20
C LEU B 160 1.50 -19.55 -22.08
N ALA B 161 2.79 -19.79 -22.37
CA ALA B 161 3.69 -20.30 -21.33
C ALA B 161 4.00 -19.17 -20.35
N ALA B 162 4.06 -17.95 -20.87
CA ALA B 162 4.34 -16.81 -20.01
C ALA B 162 3.09 -16.42 -19.23
N VAL B 163 1.91 -16.62 -19.80
CA VAL B 163 0.69 -16.30 -19.07
C VAL B 163 0.60 -17.28 -17.90
N SER B 164 0.75 -18.55 -18.24
CA SER B 164 0.67 -19.63 -17.27
C SER B 164 1.54 -19.41 -16.06
N SER B 165 2.81 -19.09 -16.26
CA SER B 165 3.71 -18.91 -15.12
C SER B 165 3.84 -17.50 -14.51
N SER B 166 3.42 -16.47 -15.25
CA SER B 166 3.52 -15.11 -14.74
C SER B 166 2.25 -14.68 -14.04
N SER B 167 1.20 -15.48 -14.17
CA SER B 167 -0.03 -15.10 -13.51
C SER B 167 -0.94 -16.27 -13.13
N TYR B 168 -1.14 -17.25 -14.00
CA TYR B 168 -2.03 -18.34 -13.63
C TYR B 168 -1.54 -19.13 -12.43
N SER B 169 -0.24 -19.44 -12.40
CA SER B 169 0.33 -20.18 -11.29
C SER B 169 -0.18 -19.67 -9.95
N PHE B 170 -0.36 -18.35 -9.84
CA PHE B 170 -0.84 -17.79 -8.60
C PHE B 170 -2.29 -18.18 -8.39
N VAL B 171 -3.08 -18.15 -9.46
CA VAL B 171 -4.49 -18.51 -9.35
C VAL B 171 -4.62 -19.92 -8.77
N SER B 172 -3.87 -20.85 -9.35
CA SER B 172 -3.91 -22.23 -8.91
C SER B 172 -3.38 -22.39 -7.49
N LEU B 173 -2.21 -21.80 -7.22
CA LEU B 173 -1.64 -21.91 -5.89
C LEU B 173 -2.68 -21.46 -4.86
N LEU B 174 -3.40 -20.37 -5.14
CA LEU B 174 -4.45 -19.84 -4.25
C LEU B 174 -5.65 -20.77 -4.25
N GLN B 175 -5.96 -21.32 -5.41
CA GLN B 175 -7.07 -22.25 -5.55
C GLN B 175 -6.87 -23.50 -4.66
N HIS B 176 -5.66 -24.04 -4.63
CA HIS B 176 -5.37 -25.23 -3.85
C HIS B 176 -5.02 -24.99 -2.39
N PHE B 177 -4.70 -23.75 -2.03
CA PHE B 177 -4.34 -23.44 -0.65
C PHE B 177 -5.46 -22.77 0.09
N LEU B 178 -6.37 -22.15 -0.64
CA LEU B 178 -7.48 -21.47 0.00
C LEU B 178 -8.22 -22.39 1.00
N PRO B 179 -8.54 -23.63 0.59
CA PRO B 179 -9.24 -24.51 1.52
C PRO B 179 -8.54 -24.76 2.85
N LEU B 180 -7.22 -24.52 2.91
CA LEU B 180 -6.45 -24.70 4.14
C LEU B 180 -6.21 -23.41 4.88
N MET B 181 -6.72 -22.30 4.37
CA MET B 181 -6.46 -21.02 5.00
C MET B 181 -7.50 -20.58 6.02
N LYS B 182 -7.04 -20.14 7.19
CA LYS B 182 -7.96 -19.66 8.21
C LYS B 182 -8.76 -18.50 7.66
N GLU B 183 -9.97 -18.33 8.18
CA GLU B 183 -10.83 -17.22 7.78
C GLU B 183 -10.05 -15.98 8.22
N GLY B 184 -10.01 -14.95 7.37
CA GLY B 184 -9.26 -13.75 7.72
C GLY B 184 -7.80 -13.90 7.33
N GLY B 185 -7.48 -14.99 6.64
CA GLY B 185 -6.11 -15.20 6.20
C GLY B 185 -5.73 -14.09 5.22
N SER B 186 -4.47 -14.10 4.80
CA SER B 186 -3.94 -13.09 3.90
C SER B 186 -3.04 -13.68 2.81
N ALA B 187 -3.32 -13.34 1.55
CA ALA B 187 -2.52 -13.82 0.42
C ALA B 187 -1.88 -12.70 -0.40
N LEU B 188 -0.62 -12.89 -0.77
CA LEU B 188 0.10 -11.89 -1.56
C LEU B 188 0.86 -12.48 -2.74
N ALA B 189 0.59 -11.94 -3.93
CA ALA B 189 1.28 -12.34 -5.15
C ALA B 189 2.37 -11.28 -5.43
N LEU B 190 3.61 -11.73 -5.51
CA LEU B 190 4.74 -10.84 -5.75
C LEU B 190 5.34 -11.11 -7.14
N SER B 191 5.35 -10.09 -7.99
CA SER B 191 5.92 -10.23 -9.34
C SER B 191 6.99 -9.15 -9.56
N TYR B 192 8.16 -9.56 -10.04
CA TYR B 192 9.25 -8.62 -10.28
C TYR B 192 9.98 -8.80 -11.59
N ILE B 193 10.86 -7.83 -11.86
CA ILE B 193 11.69 -7.76 -13.07
C ILE B 193 10.97 -8.17 -14.36
N ALA B 212 -1.67 -5.08 -15.77
CA ALA B 212 -1.87 -6.45 -16.31
C ALA B 212 -2.63 -7.35 -15.32
N LEU B 213 -2.01 -7.63 -14.18
CA LEU B 213 -2.63 -8.48 -13.15
C LEU B 213 -3.23 -7.66 -12.01
N GLU B 214 -3.70 -6.46 -12.32
CA GLU B 214 -4.32 -5.60 -11.32
C GLU B 214 -5.76 -6.03 -11.13
N SER B 215 -6.39 -6.46 -12.22
CA SER B 215 -7.77 -6.90 -12.18
C SER B 215 -7.80 -8.38 -11.78
N ASP B 216 -6.78 -9.13 -12.20
CA ASP B 216 -6.67 -10.53 -11.85
C ASP B 216 -6.54 -10.62 -10.33
N CYS B 217 -5.99 -9.56 -9.75
CA CYS B 217 -5.78 -9.44 -8.30
C CYS B 217 -7.09 -9.07 -7.63
N ARG B 218 -7.78 -8.09 -8.19
CA ARG B 218 -9.05 -7.63 -7.63
C ARG B 218 -10.10 -8.72 -7.74
N THR B 219 -9.97 -9.55 -8.77
CA THR B 219 -10.88 -10.65 -9.01
C THR B 219 -10.68 -11.70 -7.93
N LEU B 220 -9.44 -12.15 -7.78
CA LEU B 220 -9.14 -13.13 -6.76
C LEU B 220 -9.42 -12.57 -5.36
N ALA B 221 -9.42 -11.25 -5.21
CA ALA B 221 -9.70 -10.62 -3.92
C ALA B 221 -11.19 -10.79 -3.62
N PHE B 222 -12.01 -10.61 -4.64
CA PHE B 222 -13.44 -10.77 -4.50
C PHE B 222 -13.81 -12.23 -4.20
N GLU B 223 -13.37 -13.13 -5.06
CA GLU B 223 -13.64 -14.54 -4.90
C GLU B 223 -13.16 -15.14 -3.59
N ALA B 224 -11.95 -14.78 -3.18
CA ALA B 224 -11.40 -15.29 -1.94
C ALA B 224 -12.05 -14.56 -0.75
N GLY B 225 -12.63 -13.40 -1.03
CA GLY B 225 -13.29 -12.66 0.03
C GLY B 225 -14.61 -13.34 0.39
N ARG B 226 -15.47 -13.52 -0.61
CA ARG B 226 -16.75 -14.16 -0.37
C ARG B 226 -16.48 -15.55 0.22
N ALA B 227 -15.49 -16.23 -0.34
CA ALA B 227 -15.13 -17.58 0.09
C ALA B 227 -14.71 -17.73 1.55
N ARG B 228 -13.47 -17.40 1.88
CA ARG B 228 -12.97 -17.54 3.26
C ARG B 228 -12.64 -16.23 3.96
N ALA B 229 -13.07 -15.11 3.40
CA ALA B 229 -12.77 -13.81 4.01
C ALA B 229 -11.25 -13.65 4.00
N VAL B 230 -10.64 -14.10 2.93
CA VAL B 230 -9.20 -14.02 2.77
C VAL B 230 -8.81 -12.81 1.89
N ARG B 231 -7.88 -12.01 2.39
CA ARG B 231 -7.42 -10.85 1.64
C ARG B 231 -6.41 -11.35 0.59
N VAL B 232 -6.42 -10.69 -0.56
CA VAL B 232 -5.50 -11.02 -1.65
C VAL B 232 -4.96 -9.70 -2.16
N ASN B 233 -3.65 -9.58 -2.20
CA ASN B 233 -2.98 -8.38 -2.68
C ASN B 233 -1.76 -8.72 -3.52
N CYS B 234 -1.25 -7.73 -4.23
CA CYS B 234 -0.10 -7.92 -5.10
C CYS B 234 0.94 -6.82 -5.02
N ILE B 235 2.20 -7.21 -5.15
CA ILE B 235 3.31 -6.27 -5.18
C ILE B 235 3.91 -6.42 -6.57
N SER B 236 4.22 -5.30 -7.21
CA SER B 236 4.85 -5.33 -8.52
C SER B 236 6.16 -4.58 -8.32
N ALA B 237 7.23 -5.34 -8.12
CA ALA B 237 8.53 -4.76 -7.85
C ALA B 237 9.42 -4.57 -9.06
N GLY B 238 10.44 -3.74 -8.88
CA GLY B 238 11.40 -3.51 -9.93
C GLY B 238 12.55 -4.46 -9.61
N PRO B 239 13.60 -4.53 -10.45
CA PRO B 239 14.72 -5.43 -10.16
C PRO B 239 15.61 -4.95 -9.01
N LEU B 240 16.41 -5.85 -8.45
CA LEU B 240 17.29 -5.49 -7.35
C LEU B 240 18.59 -4.81 -7.81
N LYS B 272 17.88 7.05 -3.61
CA LYS B 272 17.24 5.86 -2.99
C LYS B 272 17.11 4.72 -4.01
N GLU B 273 17.64 3.55 -3.67
CA GLU B 273 17.56 2.42 -4.58
C GLU B 273 16.41 1.48 -4.24
N LEU B 274 16.53 0.22 -4.68
CA LEU B 274 15.50 -0.79 -4.45
C LEU B 274 16.13 -2.11 -4.02
N GLU B 275 16.01 -2.44 -2.74
CA GLU B 275 16.57 -3.69 -2.25
C GLU B 275 15.43 -4.58 -1.73
N SER B 276 15.72 -5.87 -1.61
CA SER B 276 14.74 -6.84 -1.14
C SER B 276 14.01 -6.29 0.08
N ASP B 277 14.77 -5.67 0.98
CA ASP B 277 14.21 -5.10 2.20
C ASP B 277 12.99 -4.25 1.93
N ASP B 278 13.00 -3.50 0.83
CA ASP B 278 11.87 -2.64 0.48
C ASP B 278 10.63 -3.45 0.16
N VAL B 279 10.76 -4.42 -0.72
CA VAL B 279 9.63 -5.26 -1.09
C VAL B 279 9.19 -6.07 0.12
N GLY B 280 10.13 -6.78 0.74
CA GLY B 280 9.83 -7.59 1.89
C GLY B 280 9.10 -6.84 2.98
N ARG B 281 9.37 -5.55 3.12
CA ARG B 281 8.70 -4.78 4.15
C ARG B 281 7.31 -4.34 3.76
N ALA B 282 7.10 -4.11 2.46
CA ALA B 282 5.78 -3.72 1.98
C ALA B 282 4.95 -5.00 2.00
N ALA B 283 5.61 -6.12 1.73
CA ALA B 283 4.97 -7.42 1.73
C ALA B 283 4.46 -7.68 3.14
N LEU B 284 5.36 -7.55 4.10
CA LEU B 284 5.02 -7.76 5.50
C LEU B 284 3.83 -6.90 5.90
N PHE B 285 3.81 -5.63 5.49
CA PHE B 285 2.70 -4.75 5.83
C PHE B 285 1.35 -5.30 5.32
N LEU B 286 1.25 -5.57 4.02
CA LEU B 286 0.00 -6.06 3.46
C LEU B 286 -0.47 -7.38 4.06
N LEU B 287 0.49 -8.23 4.39
CA LEU B 287 0.23 -9.55 4.97
C LEU B 287 -0.14 -9.54 6.45
N SER B 288 0.03 -8.40 7.12
CA SER B 288 -0.26 -8.32 8.55
C SER B 288 -1.63 -7.72 8.88
N PRO B 289 -2.05 -7.82 10.14
CA PRO B 289 -3.35 -7.28 10.55
C PRO B 289 -3.42 -5.78 10.34
N LEU B 290 -2.26 -5.16 10.14
CA LEU B 290 -2.15 -3.72 9.91
C LEU B 290 -2.94 -3.34 8.66
N ALA B 291 -2.90 -4.20 7.65
CA ALA B 291 -3.60 -3.97 6.39
C ALA B 291 -4.93 -4.75 6.31
N ARG B 292 -5.49 -5.06 7.48
CA ARG B 292 -6.74 -5.81 7.57
C ARG B 292 -7.85 -5.26 6.68
N ALA B 293 -7.87 -3.94 6.46
CA ALA B 293 -8.89 -3.34 5.63
C ALA B 293 -8.44 -3.19 4.17
N VAL B 294 -7.32 -3.84 3.84
CA VAL B 294 -6.76 -3.77 2.50
C VAL B 294 -6.80 -5.09 1.73
N THR B 295 -7.58 -5.13 0.65
CA THR B 295 -7.64 -6.30 -0.21
C THR B 295 -7.89 -5.91 -1.69
N GLY B 296 -7.16 -6.54 -2.60
CA GLY B 296 -7.32 -6.21 -4.02
C GLY B 296 -6.38 -5.09 -4.45
N ALA B 297 -5.43 -4.76 -3.57
CA ALA B 297 -4.46 -3.72 -3.84
C ALA B 297 -3.28 -4.23 -4.64
N THR B 298 -2.83 -3.42 -5.59
CA THR B 298 -1.63 -3.75 -6.35
C THR B 298 -0.74 -2.57 -6.02
N LEU B 299 0.42 -2.84 -5.45
CA LEU B 299 1.36 -1.80 -5.04
C LEU B 299 2.69 -1.97 -5.78
N TYR B 300 3.07 -0.96 -6.55
CA TYR B 300 4.32 -0.99 -7.31
C TYR B 300 5.50 -0.53 -6.48
N VAL B 301 6.36 -1.46 -6.07
CA VAL B 301 7.54 -1.13 -5.30
C VAL B 301 8.69 -1.02 -6.31
N ASP B 302 8.63 0.04 -7.11
CA ASP B 302 9.62 0.27 -8.17
C ASP B 302 10.09 1.72 -8.30
N ASN B 303 10.17 2.44 -7.18
CA ASN B 303 10.63 3.82 -7.19
C ASN B 303 9.89 4.75 -8.16
N GLY B 304 8.60 4.50 -8.37
CA GLY B 304 7.83 5.35 -9.27
C GLY B 304 7.93 5.00 -10.75
N LEU B 305 8.70 3.99 -11.10
CA LEU B 305 8.85 3.62 -12.50
C LEU B 305 7.47 3.52 -13.15
N HIS B 306 6.65 2.59 -12.67
CA HIS B 306 5.29 2.45 -13.18
C HIS B 306 4.50 3.66 -12.69
N ALA B 307 3.47 4.06 -13.42
CA ALA B 307 2.64 5.19 -13.01
C ALA B 307 3.40 6.52 -13.04
N MET B 308 4.40 6.61 -13.92
CA MET B 308 5.22 7.81 -14.07
C MET B 308 6.18 7.58 -15.22
#